data_8D0H
#
_entry.id   8D0H
#
_cell.length_a   33.048
_cell.length_b   77.707
_cell.length_c   116.227
_cell.angle_alpha   90.000
_cell.angle_beta   90.000
_cell.angle_gamma   90.000
#
_symmetry.space_group_name_H-M   'P 21 21 21'
#
loop_
_entity.id
_entity.type
_entity.pdbx_description
1 polymer 'NAD(+) hydrolase SARM1'
2 non-polymer '[[(2~{R},3~{S},4~{R},5~{R})-5-(2-azanyl-6-oxidanylidene-3~{H}-purin-9-yl)-3,4-bis(oxidanyl)oxolan-2-yl]methoxy-oxidanyl-phosphoryl] [(2~{R},3~{S},4~{R},5~{R})-5-[4-[(1~{S})-1-[methyl-[2,2,2-tris(fluoranyl)ethylcarbamoyl]amino]ethyl]pyridin-1-yl]-3,4-bis(oxidanyl)oxolan-2-yl]methyl hydrogen phosphate'
3 water water
#
_entity_poly.entity_id   1
_entity_poly.type   'polypeptide(L)'
_entity_poly.pdbx_seq_one_letter_code
;SGDTPDVFISYRRNSGSQLASLLKVHLQLHGFSVFIDVEKLEAGKFEDKLIQSVMGARNFVLVLSPGALDKCMQDHDCKD
WVHKEIVTALSCGKNIVPIIDGFEWPEPQVLPEDMQAVLTFNGIKWSHEYQEATIEKIIRFLQ
;
_entity_poly.pdbx_strand_id   A,B
#
# COMPACT_ATOMS: atom_id res chain seq x y z
N THR A 4 11.47 22.12 8.86
CA THR A 4 10.75 21.89 7.61
C THR A 4 11.09 20.51 7.03
N PRO A 5 10.07 19.65 6.94
CA PRO A 5 10.26 18.36 6.27
C PRO A 5 10.76 18.53 4.85
N ASP A 6 11.53 17.53 4.39
CA ASP A 6 12.27 17.57 3.15
C ASP A 6 11.57 16.85 2.00
N VAL A 7 10.56 16.02 2.29
CA VAL A 7 9.81 15.30 1.28
C VAL A 7 8.33 15.42 1.60
N PHE A 8 7.57 16.00 0.68
CA PHE A 8 6.11 16.09 0.75
C PHE A 8 5.50 15.04 -0.17
N ILE A 9 4.61 14.19 0.37
CA ILE A 9 3.97 13.13 -0.40
C ILE A 9 2.55 13.56 -0.73
N SER A 10 2.27 13.77 -2.00
CA SER A 10 0.93 14.09 -2.48
C SER A 10 0.37 12.87 -3.19
N TYR A 11 -0.92 12.59 -2.97
CA TYR A 11 -1.50 11.32 -3.38
C TYR A 11 -3.01 11.42 -3.32
N ARG A 12 -3.67 10.38 -3.85
CA ARG A 12 -5.13 10.26 -3.81
C ARG A 12 -5.54 9.35 -2.67
N ARG A 13 -6.35 9.88 -1.76
CA ARG A 13 -6.86 9.08 -0.63
C ARG A 13 -7.56 7.81 -1.13
N ASN A 14 -7.90 7.83 -2.37
CA ASN A 14 -8.63 6.80 -3.03
C ASN A 14 -7.97 5.57 -3.54
N SER A 15 -6.85 5.73 -4.19
CA SER A 15 -6.20 4.64 -4.80
C SER A 15 -4.77 4.58 -4.57
N GLY A 16 -4.29 5.44 -3.72
CA GLY A 16 -2.87 5.70 -3.51
C GLY A 16 -2.54 5.83 -2.05
N SER A 17 -3.51 5.53 -1.18
CA SER A 17 -3.25 5.63 0.25
C SER A 17 -2.24 4.59 0.71
N GLN A 18 -2.28 3.39 0.15
CA GLN A 18 -1.38 2.37 0.66
C GLN A 18 0.05 2.59 0.17
N LEU A 19 0.21 2.86 -1.13
CA LEU A 19 1.54 3.14 -1.66
C LEU A 19 2.15 4.35 -0.98
N ALA A 20 1.35 5.41 -0.83
CA ALA A 20 1.85 6.65 -0.26
C ALA A 20 2.34 6.44 1.17
N SER A 21 1.64 5.60 1.95
CA SER A 21 2.15 5.31 3.28
C SER A 21 3.39 4.43 3.21
N LEU A 22 3.39 3.45 2.29
CA LEU A 22 4.58 2.61 2.14
C LEU A 22 5.79 3.42 1.68
N LEU A 23 5.57 4.52 0.96
CA LEU A 23 6.66 5.41 0.61
C LEU A 23 7.13 6.24 1.80
N LYS A 24 6.20 6.73 2.63
CA LYS A 24 6.58 7.49 3.81
C LYS A 24 7.51 6.67 4.70
N VAL A 25 7.11 5.43 5.00
CA VAL A 25 7.93 4.55 5.84
C VAL A 25 9.31 4.40 5.23
N HIS A 26 9.37 4.00 3.96
CA HIS A 26 10.65 3.69 3.31
C HIS A 26 11.59 4.89 3.34
N LEU A 27 11.10 6.07 2.96
CA LEU A 27 11.95 7.25 2.99
C LEU A 27 12.38 7.59 4.41
N GLN A 28 11.47 7.44 5.39
CA GLN A 28 11.85 7.69 6.77
C GLN A 28 12.91 6.72 7.24
N LEU A 29 12.91 5.49 6.73
CA LEU A 29 13.95 4.54 7.10
C LEU A 29 15.31 4.96 6.58
N HIS A 30 15.34 5.70 5.47
CA HIS A 30 16.59 6.19 4.93
C HIS A 30 16.92 7.60 5.40
N GLY A 31 16.19 8.09 6.39
CA GLY A 31 16.54 9.31 7.08
C GLY A 31 15.80 10.56 6.65
N PHE A 32 14.95 10.49 5.64
CA PHE A 32 14.30 11.69 5.13
C PHE A 32 13.13 12.08 6.02
N SER A 33 12.94 13.38 6.18
CA SER A 33 11.80 13.95 6.89
C SER A 33 10.62 14.05 5.93
N VAL A 34 9.53 13.35 6.22
CA VAL A 34 8.44 13.17 5.27
C VAL A 34 7.17 13.82 5.78
N PHE A 35 6.52 14.63 4.92
CA PHE A 35 5.16 15.09 5.14
C PHE A 35 4.16 14.21 4.39
N ILE A 36 3.20 13.66 5.13
CA ILE A 36 1.97 13.12 4.56
C ILE A 36 0.84 13.51 5.49
N ASP A 37 -0.34 13.76 4.90
CA ASP A 37 -1.36 14.54 5.61
C ASP A 37 -1.79 13.88 6.91
N VAL A 38 -2.18 12.60 6.87
CA VAL A 38 -2.73 11.92 8.02
C VAL A 38 -1.75 11.82 9.19
N GLU A 39 -0.48 12.20 8.98
CA GLU A 39 0.49 12.22 10.05
C GLU A 39 1.04 13.60 10.40
N LYS A 40 1.15 14.52 9.43
CA LYS A 40 1.74 15.82 9.73
C LYS A 40 0.78 17.01 9.57
N LEU A 41 -0.31 16.87 8.82
CA LEU A 41 -1.30 17.94 8.79
C LEU A 41 -1.97 18.06 10.14
N GLU A 42 -1.68 19.13 10.87
CA GLU A 42 -2.21 19.28 12.22
C GLU A 42 -3.13 20.49 12.36
N ALA A 43 -3.02 21.25 13.45
CA ALA A 43 -4.11 22.16 13.81
C ALA A 43 -4.18 23.37 12.88
N GLY A 44 -5.40 23.84 12.65
CA GLY A 44 -5.67 25.13 12.02
C GLY A 44 -6.28 25.00 10.65
N LYS A 45 -6.12 26.07 9.85
CA LYS A 45 -6.69 26.14 8.50
C LYS A 45 -5.82 25.35 7.55
N PHE A 46 -6.29 24.17 7.13
CA PHE A 46 -5.45 23.26 6.35
C PHE A 46 -5.03 23.86 5.00
N GLU A 47 -5.91 24.66 4.39
CA GLU A 47 -5.54 25.33 3.14
C GLU A 47 -4.23 26.07 3.29
N ASP A 48 -4.11 26.85 4.36
CA ASP A 48 -2.84 27.52 4.65
C ASP A 48 -1.73 26.51 4.83
N LYS A 49 -1.93 25.52 5.70
CA LYS A 49 -0.79 24.74 6.17
C LYS A 49 -0.32 23.74 5.11
N LEU A 50 -1.24 23.12 4.37
CA LEU A 50 -0.83 22.23 3.28
C LEU A 50 0.04 22.95 2.25
N ILE A 51 -0.33 24.18 1.91
CA ILE A 51 0.44 24.93 0.91
C ILE A 51 1.82 25.26 1.45
N GLN A 52 1.92 25.61 2.74
CA GLN A 52 3.23 25.88 3.33
C GLN A 52 4.07 24.62 3.45
N SER A 53 3.45 23.45 3.67
CA SER A 53 4.20 22.19 3.68
C SER A 53 4.77 21.84 2.31
N VAL A 54 4.01 22.11 1.24
CA VAL A 54 4.59 21.96 -0.09
C VAL A 54 5.68 23.00 -0.29
N MET A 55 5.49 24.21 0.24
CA MET A 55 6.51 25.22 0.03
C MET A 55 7.78 24.94 0.82
N GLY A 56 7.68 24.25 1.95
CA GLY A 56 8.88 24.01 2.72
C GLY A 56 9.66 22.75 2.38
N ALA A 57 9.18 21.94 1.44
CA ALA A 57 9.76 20.65 1.14
C ALA A 57 10.51 20.74 -0.17
N ARG A 58 11.80 20.45 -0.14
CA ARG A 58 12.60 20.41 -1.35
C ARG A 58 12.11 19.34 -2.32
N ASN A 59 11.59 18.24 -1.80
CA ASN A 59 11.18 17.10 -2.60
C ASN A 59 9.66 16.97 -2.57
N PHE A 60 9.08 16.79 -3.75
CA PHE A 60 7.64 16.63 -3.96
C PHE A 60 7.44 15.27 -4.62
N VAL A 61 7.05 14.28 -3.83
CA VAL A 61 6.78 12.95 -4.36
C VAL A 61 5.28 12.82 -4.64
N LEU A 62 4.94 12.63 -5.90
CA LEU A 62 3.55 12.61 -6.35
C LEU A 62 3.19 11.21 -6.82
N VAL A 63 2.26 10.57 -6.11
CA VAL A 63 1.89 9.17 -6.35
C VAL A 63 0.85 9.11 -7.47
N LEU A 64 1.34 8.58 -8.58
CA LEU A 64 0.59 8.42 -9.78
C LEU A 64 -0.06 7.06 -9.74
N SER A 65 -1.15 6.92 -9.01
CA SER A 65 -2.00 5.74 -8.96
C SER A 65 -3.03 5.80 -10.06
N PRO A 66 -3.76 4.72 -10.34
CA PRO A 66 -4.62 4.81 -11.53
C PRO A 66 -5.65 5.91 -11.39
N GLY A 67 -5.79 6.72 -12.45
CA GLY A 67 -6.80 7.76 -12.48
C GLY A 67 -6.57 8.91 -11.52
N ALA A 68 -5.34 9.11 -11.05
CA ALA A 68 -5.06 10.03 -9.97
C ALA A 68 -5.12 11.50 -10.37
N LEU A 69 -5.21 11.82 -11.65
CA LEU A 69 -5.38 13.20 -12.10
C LEU A 69 -6.74 13.45 -12.73
N ASP A 70 -7.68 12.51 -12.58
CA ASP A 70 -9.02 12.71 -13.13
C ASP A 70 -9.75 13.87 -12.46
N LYS A 71 -9.67 13.97 -11.12
CA LYS A 71 -10.31 15.09 -10.44
C LYS A 71 -9.65 16.42 -10.77
N CYS A 72 -8.42 16.39 -11.26
CA CYS A 72 -7.76 17.62 -11.70
C CYS A 72 -8.33 18.11 -13.02
N MET A 73 -8.74 17.20 -13.89
CA MET A 73 -9.22 17.58 -15.20
C MET A 73 -10.48 18.41 -15.07
N GLN A 74 -10.52 19.54 -15.77
CA GLN A 74 -11.62 20.49 -15.69
C GLN A 74 -11.89 20.94 -14.25
N ASP A 75 -10.84 20.99 -13.42
CA ASP A 75 -10.90 21.72 -12.15
C ASP A 75 -10.40 23.15 -12.36
N HIS A 76 -11.16 23.88 -13.18
CA HIS A 76 -10.67 25.14 -13.71
C HIS A 76 -10.57 26.23 -12.65
N ASP A 77 -11.18 26.03 -11.49
CA ASP A 77 -11.07 26.98 -10.39
C ASP A 77 -10.06 26.53 -9.34
N CYS A 78 -9.24 25.53 -9.65
CA CYS A 78 -8.18 25.05 -8.75
C CYS A 78 -8.74 24.80 -7.35
N LYS A 79 -9.70 23.89 -7.26
CA LYS A 79 -10.24 23.52 -5.96
C LYS A 79 -10.04 22.05 -5.62
N ASP A 80 -9.41 21.26 -6.50
CA ASP A 80 -8.97 19.92 -6.17
C ASP A 80 -7.57 19.98 -5.55
N TRP A 81 -7.32 19.08 -4.60
CA TRP A 81 -6.18 19.27 -3.71
C TRP A 81 -4.87 18.72 -4.27
N VAL A 82 -4.92 17.62 -5.02
CA VAL A 82 -3.73 17.23 -5.79
C VAL A 82 -3.40 18.32 -6.80
N HIS A 83 -4.43 18.94 -7.38
CA HIS A 83 -4.20 20.07 -8.27
C HIS A 83 -3.55 21.23 -7.53
N LYS A 84 -4.04 21.56 -6.33
CA LYS A 84 -3.44 22.65 -5.57
C LYS A 84 -2.00 22.35 -5.24
N GLU A 85 -1.70 21.10 -4.87
CA GLU A 85 -0.34 20.78 -4.47
C GLU A 85 0.62 20.80 -5.64
N ILE A 86 0.20 20.32 -6.82
CA ILE A 86 1.12 20.25 -7.96
C ILE A 86 1.55 21.67 -8.37
N VAL A 87 0.57 22.57 -8.51
CA VAL A 87 0.82 23.96 -8.91
C VAL A 87 1.81 24.60 -7.94
N THR A 88 1.61 24.41 -6.64
CA THR A 88 2.55 24.98 -5.68
C THR A 88 3.94 24.44 -5.94
N ALA A 89 4.06 23.12 -6.06
CA ALA A 89 5.35 22.49 -6.31
C ALA A 89 6.01 23.05 -7.57
N LEU A 90 5.24 23.14 -8.68
CA LEU A 90 5.79 23.70 -9.92
C LEU A 90 6.16 25.16 -9.71
N SER A 91 5.34 25.89 -8.96
CA SER A 91 5.53 27.32 -8.79
C SER A 91 6.81 27.62 -8.04
N CYS A 92 7.11 26.82 -7.01
CA CYS A 92 8.30 26.97 -6.18
C CYS A 92 9.52 26.28 -6.74
N GLY A 93 9.43 25.65 -7.91
CA GLY A 93 10.56 24.93 -8.47
C GLY A 93 11.02 23.74 -7.67
N LYS A 94 10.09 22.91 -7.20
CA LYS A 94 10.42 21.79 -6.35
C LYS A 94 10.87 20.59 -7.18
N ASN A 95 11.79 19.78 -6.60
CA ASN A 95 12.26 18.57 -7.25
C ASN A 95 11.10 17.56 -7.31
N ILE A 96 10.27 17.71 -8.33
CA ILE A 96 9.10 16.86 -8.45
C ILE A 96 9.53 15.46 -8.91
N VAL A 97 9.04 14.44 -8.21
CA VAL A 97 9.32 13.04 -8.52
C VAL A 97 8.03 12.24 -8.57
N PRO A 98 7.43 12.07 -9.74
CA PRO A 98 6.24 11.20 -9.85
C PRO A 98 6.58 9.73 -9.66
N ILE A 99 5.60 8.99 -9.15
CA ILE A 99 5.71 7.54 -8.94
C ILE A 99 4.55 6.90 -9.71
N ILE A 100 4.88 6.08 -10.72
CA ILE A 100 3.89 5.52 -11.63
C ILE A 100 3.45 4.16 -11.10
N ASP A 101 2.17 4.02 -10.80
CA ASP A 101 1.63 2.72 -10.39
C ASP A 101 0.36 2.47 -11.20
N GLY A 102 0.51 1.85 -12.37
CA GLY A 102 -0.65 1.59 -13.21
C GLY A 102 -1.36 2.85 -13.64
N PHE A 103 -0.61 3.90 -13.91
CA PHE A 103 -1.15 5.20 -14.28
C PHE A 103 -0.96 5.37 -15.78
N GLU A 104 -2.01 5.78 -16.46
CA GLU A 104 -1.95 6.14 -17.87
C GLU A 104 -1.77 7.64 -17.99
N TRP A 105 -0.78 8.05 -18.80
CA TRP A 105 -0.43 9.47 -18.94
C TRP A 105 -1.51 10.23 -19.70
N PRO A 106 -2.10 11.27 -19.14
CA PRO A 106 -2.99 12.12 -19.94
C PRO A 106 -2.22 12.83 -21.04
N GLU A 107 -2.95 13.23 -22.07
CA GLU A 107 -2.44 14.26 -22.96
C GLU A 107 -2.47 15.60 -22.23
N PRO A 108 -1.50 16.46 -22.48
CA PRO A 108 -1.47 17.76 -21.79
C PRO A 108 -2.77 18.54 -21.90
N GLN A 109 -3.46 18.44 -23.05
CA GLN A 109 -4.58 19.32 -23.34
C GLN A 109 -5.76 19.09 -22.40
N VAL A 110 -5.90 17.88 -21.86
CA VAL A 110 -7.01 17.62 -20.95
C VAL A 110 -6.76 18.12 -19.54
N LEU A 111 -5.55 18.52 -19.22
CA LEU A 111 -5.29 19.02 -17.89
C LEU A 111 -5.34 20.55 -17.86
N PRO A 112 -5.56 21.17 -16.70
CA PRO A 112 -5.49 22.62 -16.64
C PRO A 112 -4.09 23.09 -16.94
N GLU A 113 -4.00 24.26 -17.58
CA GLU A 113 -2.73 24.79 -18.07
C GLU A 113 -1.73 24.95 -16.94
N ASP A 114 -2.20 25.33 -15.75
CA ASP A 114 -1.27 25.64 -14.66
C ASP A 114 -0.58 24.42 -14.10
N MET A 115 -0.94 23.22 -14.55
CA MET A 115 -0.31 22.00 -14.06
C MET A 115 0.11 21.05 -15.18
N GLN A 116 -0.06 21.45 -16.44
CA GLN A 116 0.43 20.59 -17.52
C GLN A 116 1.92 20.32 -17.43
N ALA A 117 2.69 21.20 -16.80
CA ALA A 117 4.12 20.98 -16.70
C ALA A 117 4.45 19.72 -15.92
N VAL A 118 3.51 19.18 -15.15
CA VAL A 118 3.85 18.03 -14.34
C VAL A 118 4.09 16.80 -15.20
N LEU A 119 3.61 16.78 -16.44
CA LEU A 119 3.89 15.64 -17.32
C LEU A 119 5.33 15.64 -17.84
N THR A 120 6.09 16.72 -17.64
CA THR A 120 7.42 16.85 -18.21
C THR A 120 8.53 16.37 -17.27
N PHE A 121 8.20 15.80 -16.12
CA PHE A 121 9.20 15.31 -15.17
C PHE A 121 9.35 13.80 -15.28
N ASN A 122 10.59 13.34 -15.19
CA ASN A 122 10.84 11.91 -15.30
C ASN A 122 10.19 11.16 -14.13
N GLY A 123 9.34 10.20 -14.45
CA GLY A 123 8.67 9.43 -13.43
C GLY A 123 9.33 8.07 -13.21
N ILE A 124 9.04 7.50 -12.04
CA ILE A 124 9.58 6.22 -11.61
C ILE A 124 8.43 5.22 -11.61
N LYS A 125 8.65 4.09 -12.26
CA LYS A 125 7.62 3.05 -12.29
C LYS A 125 7.72 2.18 -11.05
N TRP A 126 6.61 2.04 -10.34
CA TRP A 126 6.56 1.18 -9.16
C TRP A 126 6.52 -0.28 -9.60
N SER A 127 7.48 -1.07 -9.12
CA SER A 127 7.53 -2.50 -9.42
C SER A 127 7.26 -3.30 -8.16
N HIS A 128 6.07 -3.91 -8.10
CA HIS A 128 5.74 -4.81 -7.00
C HIS A 128 6.83 -5.85 -6.78
N GLU A 129 7.35 -6.43 -7.87
CA GLU A 129 8.32 -7.51 -7.75
C GLU A 129 9.71 -7.02 -7.36
N TYR A 130 10.02 -5.73 -7.51
CA TYR A 130 11.35 -5.23 -7.21
C TYR A 130 11.26 -3.93 -6.42
N GLN A 131 10.66 -4.00 -5.22
CA GLN A 131 10.35 -2.82 -4.43
C GLN A 131 11.61 -2.15 -3.88
N GLU A 132 12.54 -2.95 -3.37
CA GLU A 132 13.78 -2.38 -2.85
C GLU A 132 14.53 -1.62 -3.92
N ALA A 133 14.56 -2.13 -5.15
CA ALA A 133 15.21 -1.39 -6.23
C ALA A 133 14.45 -0.10 -6.52
N THR A 134 13.12 -0.15 -6.49
CA THR A 134 12.35 1.06 -6.72
C THR A 134 12.64 2.10 -5.64
N ILE A 135 12.78 1.64 -4.39
CA ILE A 135 13.09 2.55 -3.28
C ILE A 135 14.46 3.17 -3.47
N GLU A 136 15.44 2.36 -3.87
CA GLU A 136 16.78 2.89 -4.11
C GLU A 136 16.74 3.93 -5.22
N LYS A 137 15.96 3.66 -6.27
CA LYS A 137 15.82 4.63 -7.36
C LYS A 137 15.15 5.90 -6.87
N ILE A 138 14.05 5.78 -6.12
CA ILE A 138 13.40 6.98 -5.60
C ILE A 138 14.36 7.77 -4.72
N ILE A 139 15.28 7.08 -4.06
CA ILE A 139 16.15 7.83 -3.17
C ILE A 139 17.29 8.48 -3.94
N ARG A 140 17.76 7.84 -5.02
CA ARG A 140 18.70 8.53 -5.90
C ARG A 140 18.12 9.83 -6.43
N PHE A 141 16.85 9.87 -6.75
CA PHE A 141 16.21 11.05 -7.24
C PHE A 141 16.06 12.18 -6.21
N LEU A 142 16.00 11.88 -4.96
CA LEU A 142 15.88 12.86 -3.96
C LEU A 142 17.12 13.67 -3.72
N GLN A 143 16.88 14.92 -3.38
CA GLN A 143 17.90 15.90 -3.08
C GLN A 143 17.95 16.22 -1.61
N THR B 4 13.49 -20.18 9.18
CA THR B 4 12.06 -20.26 8.92
C THR B 4 11.35 -19.01 9.43
N PRO B 5 10.53 -18.40 8.59
CA PRO B 5 9.86 -17.15 8.98
C PRO B 5 8.78 -17.40 10.02
N ASP B 6 8.50 -16.35 10.79
CA ASP B 6 7.47 -16.35 11.81
C ASP B 6 6.10 -15.93 11.31
N VAL B 7 6.06 -15.20 10.18
CA VAL B 7 4.85 -14.54 9.68
C VAL B 7 4.70 -14.86 8.22
N PHE B 8 3.54 -15.39 7.82
CA PHE B 8 3.19 -15.55 6.41
C PHE B 8 2.12 -14.54 6.01
N ILE B 9 2.38 -13.77 4.96
CA ILE B 9 1.41 -12.81 4.46
C ILE B 9 0.69 -13.37 3.25
N SER B 10 -0.64 -13.43 3.34
CA SER B 10 -1.51 -13.86 2.26
C SER B 10 -2.31 -12.68 1.73
N TYR B 11 -2.32 -12.50 0.42
CA TYR B 11 -2.93 -11.30 -0.12
C TYR B 11 -3.36 -11.54 -1.55
N ARG B 12 -4.12 -10.57 -2.05
CA ARG B 12 -4.61 -10.54 -3.41
C ARG B 12 -3.75 -9.55 -4.18
N ARG B 13 -3.07 -10.03 -5.21
CA ARG B 13 -2.16 -9.22 -6.00
C ARG B 13 -2.79 -7.96 -6.59
N ASN B 14 -4.07 -8.06 -6.94
CA ASN B 14 -4.79 -6.93 -7.54
C ASN B 14 -5.55 -5.93 -6.64
N SER B 15 -5.48 -6.08 -5.33
CA SER B 15 -6.17 -5.16 -4.48
C SER B 15 -5.43 -4.92 -3.21
N GLY B 16 -4.61 -5.86 -2.81
CA GLY B 16 -3.84 -5.80 -1.61
C GLY B 16 -2.35 -5.77 -1.62
N SER B 17 -1.78 -5.76 -2.83
CA SER B 17 -0.35 -5.75 -3.02
C SER B 17 0.39 -4.67 -2.25
N GLN B 18 -0.25 -3.52 -2.02
CA GLN B 18 0.43 -2.44 -1.31
C GLN B 18 0.38 -2.66 0.21
N LEU B 19 -0.82 -2.82 0.77
CA LEU B 19 -0.92 -3.06 2.21
C LEU B 19 -0.09 -4.28 2.64
N ALA B 20 -0.11 -5.35 1.84
CA ALA B 20 0.70 -6.51 2.18
C ALA B 20 2.18 -6.12 2.27
N SER B 21 2.67 -5.30 1.31
CA SER B 21 4.06 -4.84 1.35
C SER B 21 4.29 -3.88 2.50
N LEU B 22 3.27 -3.08 2.83
CA LEU B 22 3.33 -2.21 3.99
C LEU B 22 3.43 -3.03 5.27
N LEU B 23 2.64 -4.11 5.35
CA LEU B 23 2.71 -5.01 6.50
C LEU B 23 4.07 -5.68 6.61
N LYS B 24 4.66 -6.05 5.47
CA LYS B 24 6.01 -6.65 5.51
C LYS B 24 7.03 -5.70 6.11
N VAL B 25 7.11 -4.48 5.58
CA VAL B 25 8.14 -3.55 6.03
C VAL B 25 8.01 -3.31 7.54
N HIS B 26 6.80 -3.04 8.01
CA HIS B 26 6.60 -2.75 9.42
C HIS B 26 6.97 -3.95 10.29
N LEU B 27 6.53 -5.14 9.90
CA LEU B 27 6.74 -6.31 10.75
C LEU B 27 8.23 -6.66 10.87
N GLN B 28 8.96 -6.62 9.75
CA GLN B 28 10.40 -6.83 9.80
C GLN B 28 11.07 -5.80 10.69
N LEU B 29 10.63 -4.54 10.57
CA LEU B 29 11.12 -3.48 11.45
C LEU B 29 11.05 -3.89 12.89
N HIS B 30 9.98 -4.58 13.27
CA HIS B 30 9.81 -5.01 14.64
C HIS B 30 10.49 -6.32 14.91
N GLY B 31 11.23 -6.85 13.93
CA GLY B 31 12.07 -8.01 14.14
C GLY B 31 11.42 -9.34 13.86
N PHE B 32 10.31 -9.37 13.13
CA PHE B 32 9.70 -10.61 12.66
C PHE B 32 10.32 -10.97 11.32
N SER B 33 10.56 -12.25 11.11
CA SER B 33 10.97 -12.72 9.80
C SER B 33 9.71 -12.96 8.98
N VAL B 34 9.56 -12.21 7.89
CA VAL B 34 8.31 -12.16 7.14
C VAL B 34 8.49 -12.85 5.80
N PHE B 35 7.53 -13.71 5.46
CA PHE B 35 7.40 -14.29 4.13
C PHE B 35 6.30 -13.58 3.35
N ILE B 36 6.68 -13.00 2.22
CA ILE B 36 5.74 -12.58 1.20
C ILE B 36 6.32 -13.08 -0.12
N ASP B 37 5.46 -13.51 -1.03
CA ASP B 37 5.93 -14.27 -2.18
C ASP B 37 6.97 -13.52 -3.00
N VAL B 38 6.79 -12.21 -3.19
CA VAL B 38 7.67 -11.46 -4.11
C VAL B 38 9.11 -11.43 -3.61
N GLU B 39 9.29 -11.36 -2.29
CA GLU B 39 10.61 -11.29 -1.69
C GLU B 39 11.21 -12.65 -1.39
N LYS B 40 10.38 -13.65 -1.06
CA LYS B 40 10.91 -14.88 -0.49
C LYS B 40 10.43 -16.17 -1.15
N LEU B 41 9.50 -16.12 -2.09
CA LEU B 41 9.29 -17.30 -2.94
C LEU B 41 10.46 -17.40 -3.90
N GLU B 42 11.06 -18.59 -3.96
CA GLU B 42 12.29 -18.75 -4.72
C GLU B 42 12.21 -19.97 -5.62
N ALA B 43 13.36 -20.61 -5.92
CA ALA B 43 13.37 -21.60 -6.99
C ALA B 43 12.58 -22.83 -6.61
N GLY B 44 12.07 -23.51 -7.61
CA GLY B 44 11.38 -24.78 -7.44
C GLY B 44 9.91 -24.66 -7.79
N LYS B 45 9.20 -25.74 -7.52
CA LYS B 45 7.77 -25.80 -7.80
C LYS B 45 7.03 -24.99 -6.74
N PHE B 46 6.50 -23.83 -7.14
CA PHE B 46 5.88 -22.93 -6.18
C PHE B 46 4.74 -23.60 -5.41
N GLU B 47 3.98 -24.50 -6.06
CA GLU B 47 2.85 -25.09 -5.37
C GLU B 47 3.27 -25.92 -4.15
N ASP B 48 4.55 -26.23 -4.01
CA ASP B 48 5.02 -26.82 -2.76
C ASP B 48 5.83 -25.86 -1.91
N LYS B 49 6.63 -24.98 -2.51
CA LYS B 49 7.28 -23.94 -1.74
C LYS B 49 6.26 -23.09 -1.00
N LEU B 50 5.11 -22.82 -1.61
CA LEU B 50 4.13 -21.93 -1.00
C LEU B 50 3.48 -22.59 0.21
N ILE B 51 3.00 -23.82 0.05
CA ILE B 51 2.33 -24.52 1.13
C ILE B 51 3.28 -24.75 2.29
N GLN B 52 4.53 -25.07 1.98
CA GLN B 52 5.50 -25.33 3.06
C GLN B 52 5.77 -24.08 3.86
N SER B 53 5.80 -22.92 3.21
CA SER B 53 6.05 -21.67 3.90
C SER B 53 4.89 -21.25 4.79
N VAL B 54 3.65 -21.58 4.39
CA VAL B 54 2.54 -21.35 5.32
C VAL B 54 2.70 -22.25 6.55
N MET B 55 3.18 -23.49 6.36
CA MET B 55 3.34 -24.46 7.45
C MET B 55 4.44 -24.07 8.43
N GLY B 56 5.50 -23.40 7.95
CA GLY B 56 6.62 -23.07 8.82
C GLY B 56 6.45 -21.82 9.64
N ALA B 57 5.58 -20.92 9.20
CA ALA B 57 5.32 -19.68 9.90
C ALA B 57 4.30 -19.92 11.00
N ARG B 58 4.62 -19.49 12.22
CA ARG B 58 3.63 -19.56 13.27
C ARG B 58 2.44 -18.66 12.92
N ASN B 59 2.72 -17.48 12.39
CA ASN B 59 1.68 -16.48 12.19
C ASN B 59 1.27 -16.48 10.72
N PHE B 60 -0.05 -16.37 10.50
CA PHE B 60 -0.66 -16.27 9.17
C PHE B 60 -1.50 -14.99 9.13
N VAL B 61 -0.97 -13.98 8.45
CA VAL B 61 -1.59 -12.66 8.31
C VAL B 61 -2.29 -12.62 6.96
N LEU B 62 -3.60 -12.34 6.98
CA LEU B 62 -4.44 -12.38 5.78
C LEU B 62 -4.89 -10.97 5.42
N VAL B 63 -4.50 -10.48 4.24
CA VAL B 63 -4.84 -9.13 3.82
C VAL B 63 -6.21 -9.17 3.15
N LEU B 64 -7.23 -8.69 3.86
CA LEU B 64 -8.59 -8.64 3.32
C LEU B 64 -8.81 -7.25 2.73
N SER B 65 -8.27 -7.07 1.53
CA SER B 65 -8.59 -5.91 0.72
C SER B 65 -9.99 -6.10 0.15
N PRO B 66 -10.54 -5.12 -0.56
CA PRO B 66 -11.87 -5.31 -1.15
C PRO B 66 -11.89 -6.48 -2.14
N GLY B 67 -12.88 -7.35 -1.97
CA GLY B 67 -13.10 -8.49 -2.86
C GLY B 67 -12.10 -9.64 -2.73
N ALA B 68 -11.26 -9.64 -1.69
CA ALA B 68 -10.11 -10.55 -1.65
C ALA B 68 -10.50 -12.02 -1.68
N LEU B 69 -11.66 -12.37 -1.12
CA LEU B 69 -12.10 -13.77 -1.09
C LEU B 69 -13.02 -14.12 -2.24
N ASP B 70 -13.21 -13.20 -3.18
CA ASP B 70 -14.11 -13.45 -4.29
C ASP B 70 -13.69 -14.67 -5.11
N LYS B 71 -12.42 -14.72 -5.54
CA LYS B 71 -12.02 -15.84 -6.38
C LYS B 71 -11.96 -17.17 -5.62
N CYS B 72 -12.05 -17.14 -4.28
CA CYS B 72 -12.23 -18.37 -3.54
C CYS B 72 -13.65 -18.91 -3.64
N MET B 73 -14.62 -18.03 -3.90
CA MET B 73 -16.01 -18.47 -4.00
C MET B 73 -16.18 -19.43 -5.17
N GLN B 74 -16.84 -20.54 -4.89
CA GLN B 74 -17.13 -21.61 -5.85
C GLN B 74 -15.87 -22.33 -6.34
N ASP B 75 -14.78 -22.24 -5.60
CA ASP B 75 -13.51 -22.89 -5.94
C ASP B 75 -13.49 -24.29 -5.33
N HIS B 76 -14.26 -25.21 -5.88
CA HIS B 76 -14.42 -26.59 -5.40
C HIS B 76 -13.17 -27.40 -5.28
N ASP B 77 -12.35 -27.32 -6.31
CA ASP B 77 -11.14 -28.09 -6.39
C ASP B 77 -9.95 -27.45 -5.83
N CYS B 78 -10.16 -26.41 -5.03
CA CYS B 78 -9.09 -25.68 -4.37
C CYS B 78 -7.94 -25.31 -5.28
N LYS B 79 -8.22 -24.57 -6.35
CA LYS B 79 -7.16 -24.15 -7.24
C LYS B 79 -6.82 -22.68 -7.13
N ASP B 80 -7.53 -21.90 -6.33
CA ASP B 80 -7.21 -20.50 -6.09
C ASP B 80 -6.25 -20.38 -4.92
N TRP B 81 -5.21 -19.56 -5.09
CA TRP B 81 -4.08 -19.63 -4.17
C TRP B 81 -4.39 -19.06 -2.80
N VAL B 82 -5.14 -17.96 -2.75
CA VAL B 82 -5.63 -17.47 -1.46
C VAL B 82 -6.43 -18.56 -0.76
N HIS B 83 -7.28 -19.28 -1.51
CA HIS B 83 -7.98 -20.41 -0.93
C HIS B 83 -7.00 -21.43 -0.38
N LYS B 84 -5.98 -21.79 -1.17
CA LYS B 84 -5.07 -22.84 -0.76
C LYS B 84 -4.28 -22.43 0.47
N GLU B 85 -3.74 -21.21 0.47
CA GLU B 85 -3.00 -20.73 1.62
C GLU B 85 -3.88 -20.73 2.87
N ILE B 86 -5.15 -20.31 2.72
CA ILE B 86 -6.05 -20.22 3.86
C ILE B 86 -6.33 -21.60 4.45
N VAL B 87 -6.61 -22.58 3.59
CA VAL B 87 -6.93 -23.92 4.08
C VAL B 87 -5.73 -24.51 4.82
N THR B 88 -4.52 -24.23 4.36
CA THR B 88 -3.34 -24.71 5.07
C THR B 88 -3.27 -24.11 6.46
N ALA B 89 -3.51 -22.80 6.57
CA ALA B 89 -3.44 -22.15 7.86
C ALA B 89 -4.49 -22.73 8.80
N LEU B 90 -5.67 -23.04 8.27
CA LEU B 90 -6.72 -23.60 9.11
C LEU B 90 -6.37 -25.01 9.54
N SER B 91 -5.94 -25.84 8.59
N SER B 91 -5.94 -25.85 8.59
CA SER B 91 -5.65 -27.25 8.91
CA SER B 91 -5.66 -27.24 8.91
C SER B 91 -4.49 -27.37 9.90
C SER B 91 -4.46 -27.41 9.85
N CYS B 92 -3.54 -26.44 9.88
CA CYS B 92 -2.40 -26.44 10.78
C CYS B 92 -2.63 -25.66 12.07
N GLY B 93 -3.85 -25.21 12.32
CA GLY B 93 -4.12 -24.45 13.54
C GLY B 93 -3.26 -23.21 13.68
N LYS B 94 -3.10 -22.45 12.61
CA LYS B 94 -2.18 -21.33 12.66
C LYS B 94 -2.78 -20.15 13.41
N ASN B 95 -1.91 -19.20 13.78
CA ASN B 95 -2.35 -17.91 14.33
C ASN B 95 -2.78 -17.01 13.17
N ILE B 96 -4.07 -17.08 12.82
CA ILE B 96 -4.63 -16.29 11.74
C ILE B 96 -5.01 -14.91 12.28
N VAL B 97 -4.46 -13.88 11.66
CA VAL B 97 -4.79 -12.49 11.97
C VAL B 97 -5.25 -11.80 10.70
N PRO B 98 -6.56 -11.70 10.49
CA PRO B 98 -7.05 -10.99 9.30
C PRO B 98 -6.91 -9.49 9.47
N ILE B 99 -6.52 -8.83 8.37
CA ILE B 99 -6.43 -7.37 8.30
C ILE B 99 -7.53 -6.89 7.38
N ILE B 100 -8.41 -6.04 7.91
CA ILE B 100 -9.63 -5.62 7.23
C ILE B 100 -9.39 -4.28 6.54
N ASP B 101 -9.33 -4.28 5.22
CA ASP B 101 -9.10 -3.06 4.44
C ASP B 101 -10.31 -2.87 3.53
N GLY B 102 -11.36 -2.25 4.06
CA GLY B 102 -12.57 -2.00 3.29
C GLY B 102 -13.27 -3.27 2.85
N PHE B 103 -13.11 -4.34 3.61
CA PHE B 103 -13.62 -5.64 3.24
C PHE B 103 -15.01 -5.82 3.85
N GLU B 104 -15.89 -6.43 3.07
CA GLU B 104 -17.23 -6.81 3.52
C GLU B 104 -17.25 -8.29 3.85
N TRP B 105 -17.72 -8.61 5.03
CA TRP B 105 -17.79 -10.01 5.47
C TRP B 105 -18.81 -10.80 4.64
N PRO B 106 -18.42 -11.82 3.90
CA PRO B 106 -19.40 -12.60 3.15
C PRO B 106 -20.16 -13.52 4.10
N GLU B 107 -21.35 -13.95 3.67
CA GLU B 107 -22.00 -15.01 4.40
C GLU B 107 -21.15 -16.27 4.25
N PRO B 108 -20.93 -17.02 5.32
CA PRO B 108 -20.00 -18.16 5.23
C PRO B 108 -20.37 -19.14 4.13
N GLN B 109 -21.64 -19.36 3.85
CA GLN B 109 -21.99 -20.40 2.92
C GLN B 109 -21.70 -20.04 1.46
N VAL B 110 -21.32 -18.80 1.17
CA VAL B 110 -20.77 -18.54 -0.16
C VAL B 110 -19.33 -19.01 -0.30
N LEU B 111 -18.64 -19.28 0.83
CA LEU B 111 -17.27 -19.72 0.68
C LEU B 111 -17.20 -21.24 0.73
N PRO B 112 -16.25 -21.87 0.03
CA PRO B 112 -16.10 -23.33 0.15
C PRO B 112 -16.05 -23.76 1.60
N GLU B 113 -16.53 -24.97 1.87
CA GLU B 113 -16.64 -25.46 3.24
C GLU B 113 -15.30 -25.38 3.97
N ASP B 114 -14.21 -25.75 3.28
CA ASP B 114 -12.92 -25.93 3.93
C ASP B 114 -12.23 -24.61 4.26
N MET B 115 -12.84 -23.46 4.00
CA MET B 115 -12.28 -22.21 4.49
C MET B 115 -13.29 -21.33 5.23
N GLN B 116 -14.54 -21.77 5.39
CA GLN B 116 -15.54 -20.99 6.13
C GLN B 116 -15.05 -20.59 7.52
N ALA B 117 -14.30 -21.47 8.17
CA ALA B 117 -13.88 -21.19 9.54
C ALA B 117 -13.00 -19.94 9.64
N VAL B 118 -12.41 -19.51 8.52
CA VAL B 118 -11.54 -18.33 8.54
C VAL B 118 -12.28 -17.08 8.98
N LEU B 119 -13.61 -17.09 8.92
CA LEU B 119 -14.40 -15.94 9.30
C LEU B 119 -14.55 -15.81 10.82
N THR B 120 -14.25 -16.87 11.56
CA THR B 120 -14.43 -16.86 13.01
C THR B 120 -13.27 -16.24 13.76
N PHE B 121 -12.22 -15.80 13.07
CA PHE B 121 -11.06 -15.21 13.72
C PHE B 121 -11.24 -13.69 13.87
N ASN B 122 -10.59 -13.12 14.90
CA ASN B 122 -10.71 -11.70 15.18
C ASN B 122 -9.91 -10.89 14.18
N GLY B 123 -10.60 -10.09 13.37
CA GLY B 123 -9.91 -9.23 12.44
C GLY B 123 -9.51 -7.89 13.05
N ILE B 124 -8.54 -7.26 12.41
CA ILE B 124 -8.04 -5.96 12.85
C ILE B 124 -8.27 -4.95 11.74
N LYS B 125 -9.03 -3.89 12.04
CA LYS B 125 -9.35 -2.88 11.04
C LYS B 125 -8.16 -1.98 10.71
N TRP B 126 -7.80 -1.91 9.42
CA TRP B 126 -6.69 -1.07 9.01
C TRP B 126 -7.14 0.40 8.97
N SER B 127 -6.47 1.26 9.73
CA SER B 127 -6.82 2.68 9.78
C SER B 127 -5.74 3.52 9.12
N HIS B 128 -6.05 4.05 7.95
CA HIS B 128 -5.16 4.99 7.27
C HIS B 128 -4.76 6.15 8.18
N GLU B 129 -5.70 6.71 8.92
CA GLU B 129 -5.41 7.81 9.83
C GLU B 129 -4.59 7.35 11.02
N TYR B 130 -4.79 6.11 11.48
CA TYR B 130 -4.09 5.63 12.66
C TYR B 130 -3.30 4.38 12.31
N GLN B 131 -2.37 4.52 11.36
CA GLN B 131 -1.59 3.38 10.91
C GLN B 131 -0.68 2.85 11.99
N GLU B 132 0.00 3.76 12.71
CA GLU B 132 0.89 3.35 13.79
C GLU B 132 0.13 2.57 14.84
N ALA B 133 -1.02 3.10 15.28
CA ALA B 133 -1.83 2.36 16.25
C ALA B 133 -2.19 0.98 15.71
N THR B 134 -2.51 0.91 14.41
CA THR B 134 -2.92 -0.35 13.80
C THR B 134 -1.77 -1.34 13.78
N ILE B 135 -0.57 -0.88 13.43
CA ILE B 135 0.59 -1.78 13.41
C ILE B 135 0.82 -2.35 14.80
N GLU B 136 0.79 -1.49 15.82
CA GLU B 136 1.04 -1.97 17.17
C GLU B 136 -0.01 -3.01 17.57
N LYS B 137 -1.27 -2.82 17.17
CA LYS B 137 -2.26 -3.85 17.48
C LYS B 137 -1.94 -5.15 16.76
N ILE B 138 -1.46 -5.05 15.52
CA ILE B 138 -1.10 -6.28 14.80
C ILE B 138 0.00 -7.02 15.54
N ILE B 139 1.02 -6.30 16.00
CA ILE B 139 2.11 -6.92 16.74
C ILE B 139 1.59 -7.64 17.98
N ARG B 140 0.71 -6.97 18.74
CA ARG B 140 0.15 -7.62 19.94
C ARG B 140 -0.60 -8.91 19.60
N PHE B 141 -1.17 -9.03 18.40
CA PHE B 141 -1.84 -10.29 18.05
C PHE B 141 -0.85 -11.39 17.74
N LEU B 142 0.37 -11.03 17.35
CA LEU B 142 1.34 -12.00 16.85
C LEU B 142 1.98 -12.79 17.97
N GLN B 143 2.19 -14.07 17.72
CA GLN B 143 2.86 -14.94 18.67
C GLN B 143 4.37 -14.95 18.46
#